data_7PWL
#
_entry.id   7PWL
#
_cell.length_a   45.340
_cell.length_b   68.680
_cell.length_c   161.390
_cell.angle_alpha   90.000
_cell.angle_beta   90.000
_cell.angle_gamma   90.000
#
_symmetry.space_group_name_H-M   'P 21 21 21'
#
loop_
_entity.id
_entity.type
_entity.pdbx_description
1 polymer 'Protein mono-ADP-ribosyltransferase PARP15'
2 non-polymer 4-(1,3-thiazol-5-ylmethoxy)benzamide
3 non-polymer 'DIMETHYL SULFOXIDE'
4 water water
#
_entity_poly.entity_id   1
_entity_poly.type   'polypeptide(L)'
_entity_poly.pdbx_seq_one_letter_code
;MHHHHHHSSGVDLGTENLYFQSMNLPEHWTDMNHQLFCMVQLEPGQSEYNTIKDKFTRTCSSYAIEKIERIQNAFLWQSY
QVKKRQMDIKNDHKNNERLLFHGTDADSVPYVNQHGFNRSCAGKNAVSYGKGTYFAVDASYSAKDTYSKPDSNGRKHMYV
VRVLTGVFTKGRAGLVTPPPKNPHNPTDLFDSVTNNTRSPKLFVVFFDNQAYPEYLITFTA
;
_entity_poly.pdbx_strand_id   A,B
#
loop_
_chem_comp.id
_chem_comp.type
_chem_comp.name
_chem_comp.formula
8BK non-polymer 4-(1,3-thiazol-5-ylmethoxy)benzamide 'C11 H10 N2 O2 S'
DMS non-polymer 'DIMETHYL SULFOXIDE' 'C2 H6 O S'
#
# COMPACT_ATOMS: atom_id res chain seq x y z
N ASN A 24 -6.86 -10.14 16.11
CA ASN A 24 -6.20 -11.39 16.61
C ASN A 24 -4.68 -11.17 16.68
N LEU A 25 -4.24 -10.45 17.72
CA LEU A 25 -2.83 -10.02 17.95
C LEU A 25 -2.06 -11.16 18.60
N PRO A 26 -0.85 -11.53 18.10
CA PRO A 26 -0.22 -12.81 18.44
C PRO A 26 -0.11 -13.02 19.96
N GLU A 27 -0.14 -14.29 20.37
CA GLU A 27 -0.08 -14.71 21.80
C GLU A 27 1.17 -14.09 22.47
N HIS A 28 2.35 -14.23 21.84
CA HIS A 28 3.69 -13.85 22.42
C HIS A 28 3.85 -12.32 22.54
N TRP A 29 2.96 -11.52 21.95
CA TRP A 29 2.85 -10.07 22.24
C TRP A 29 2.50 -9.93 23.71
N THR A 30 2.93 -8.85 24.34
CA THR A 30 2.62 -8.58 25.76
C THR A 30 1.54 -7.50 25.77
N ASP A 31 0.77 -7.49 26.84
CA ASP A 31 -0.44 -6.65 27.02
C ASP A 31 -0.09 -5.19 26.75
N MET A 32 -0.98 -4.47 26.08
CA MET A 32 -0.71 -3.09 25.62
C MET A 32 -1.63 -2.07 26.32
N ASN A 33 -2.31 -2.45 27.40
CA ASN A 33 -3.24 -1.56 28.15
C ASN A 33 -4.21 -0.91 27.16
N HIS A 34 -4.73 -1.67 26.20
CA HIS A 34 -5.76 -1.23 25.21
C HIS A 34 -5.18 -0.23 24.20
N GLN A 35 -3.84 -0.13 24.07
CA GLN A 35 -3.17 0.72 23.05
C GLN A 35 -2.86 -0.11 21.78
N LEU A 36 -2.60 0.58 20.67
CA LEU A 36 -2.48 0.00 19.31
C LEU A 36 -1.02 -0.04 18.84
N PHE A 37 -0.10 0.66 19.52
CA PHE A 37 1.35 0.64 19.20
C PHE A 37 2.18 0.58 20.48
N CYS A 38 3.13 -0.36 20.53
CA CYS A 38 4.13 -0.47 21.61
C CYS A 38 5.41 -1.09 21.04
N MET A 39 6.57 -0.54 21.42
CA MET A 39 7.92 -1.16 21.28
C MET A 39 8.27 -1.80 22.63
N VAL A 40 8.50 -3.12 22.66
CA VAL A 40 8.78 -3.86 23.92
C VAL A 40 10.23 -4.37 23.86
N GLN A 41 11.08 -3.86 24.73
CA GLN A 41 12.47 -4.33 24.86
C GLN A 41 12.46 -5.79 25.32
N LEU A 42 13.15 -6.67 24.61
CA LEU A 42 13.19 -8.12 24.98
C LEU A 42 14.20 -8.31 26.11
N GLU A 43 13.93 -9.30 26.97
CA GLU A 43 14.81 -9.75 28.08
C GLU A 43 15.94 -10.59 27.49
N PRO A 44 17.22 -10.15 27.62
CA PRO A 44 18.34 -11.00 27.23
C PRO A 44 18.26 -12.40 27.84
N GLY A 45 18.74 -13.41 27.10
CA GLY A 45 18.87 -14.78 27.60
C GLY A 45 17.54 -15.52 27.67
N GLN A 46 16.42 -14.90 27.30
CA GLN A 46 15.15 -15.65 27.14
C GLN A 46 15.00 -16.06 25.68
N SER A 47 14.10 -17.03 25.44
CA SER A 47 13.90 -17.79 24.19
C SER A 47 13.75 -16.85 22.97
N GLU A 48 12.87 -15.87 23.06
CA GLU A 48 12.56 -14.95 21.92
C GLU A 48 13.81 -14.13 21.57
N TYR A 49 14.44 -13.52 22.57
CA TYR A 49 15.69 -12.72 22.39
C TYR A 49 16.77 -13.61 21.76
N ASN A 50 16.97 -14.83 22.29
CA ASN A 50 18.05 -15.75 21.82
C ASN A 50 17.81 -16.14 20.36
N THR A 51 16.58 -16.40 19.96
CA THR A 51 16.20 -16.74 18.56
C THR A 51 16.59 -15.62 17.60
N ILE A 52 16.22 -14.37 17.92
CA ILE A 52 16.44 -13.19 17.06
C ILE A 52 17.94 -12.88 17.03
N LYS A 53 18.61 -12.89 18.19
CA LYS A 53 20.08 -12.73 18.29
C LYS A 53 20.79 -13.74 17.38
N ASP A 54 20.40 -15.02 17.42
CA ASP A 54 21.06 -16.08 16.62
C ASP A 54 20.88 -15.80 15.11
N LYS A 55 19.70 -15.35 14.67
CA LYS A 55 19.46 -15.01 13.23
C LYS A 55 20.45 -13.92 12.82
N PHE A 56 20.69 -12.94 13.68
CA PHE A 56 21.63 -11.81 13.48
C PHE A 56 23.08 -12.30 13.47
N THR A 57 23.49 -13.02 14.52
CA THR A 57 24.91 -13.42 14.73
C THR A 57 25.33 -14.52 13.74
N ARG A 58 24.38 -15.17 13.06
CA ARG A 58 24.71 -16.05 11.90
C ARG A 58 25.80 -15.40 11.03
N THR A 59 25.73 -14.08 10.79
CA THR A 59 26.59 -13.35 9.83
C THR A 59 27.19 -12.08 10.46
N CYS A 60 26.75 -11.66 11.64
CA CYS A 60 27.17 -10.39 12.29
C CYS A 60 27.71 -10.66 13.70
N SER A 61 28.48 -11.73 13.90
CA SER A 61 28.96 -12.12 15.27
C SER A 61 30.02 -11.14 15.77
N SER A 62 30.61 -10.28 14.91
CA SER A 62 31.62 -9.26 15.31
C SER A 62 30.94 -7.99 15.84
N TYR A 63 29.61 -7.91 15.73
CA TYR A 63 28.82 -6.72 16.12
C TYR A 63 28.30 -6.96 17.55
N ALA A 64 28.19 -5.90 18.36
CA ALA A 64 27.62 -5.93 19.73
C ALA A 64 26.16 -5.50 19.69
N ILE A 65 25.26 -6.35 20.22
CA ILE A 65 23.82 -6.03 20.39
C ILE A 65 23.65 -5.23 21.67
N GLU A 66 23.15 -4.01 21.54
CA GLU A 66 22.76 -3.18 22.69
C GLU A 66 21.35 -3.61 23.12
N LYS A 67 20.40 -3.79 22.20
CA LYS A 67 19.04 -4.26 22.59
C LYS A 67 18.26 -4.76 21.37
N ILE A 68 17.23 -5.55 21.65
CA ILE A 68 16.25 -6.03 20.65
C ILE A 68 14.87 -5.66 21.17
N GLU A 69 14.10 -5.00 20.31
CA GLU A 69 12.72 -4.56 20.65
C GLU A 69 11.75 -5.31 19.74
N ARG A 70 10.68 -5.85 20.32
CA ARG A 70 9.51 -6.39 19.60
C ARG A 70 8.64 -5.20 19.16
N ILE A 71 8.32 -5.13 17.87
CA ILE A 71 7.41 -4.08 17.35
C ILE A 71 5.98 -4.62 17.43
N GLN A 72 5.14 -4.00 18.26
CA GLN A 72 3.72 -4.42 18.39
C GLN A 72 2.89 -3.28 17.78
N ASN A 73 2.62 -3.38 16.48
CA ASN A 73 1.84 -2.36 15.72
C ASN A 73 0.60 -3.06 15.17
N ALA A 74 -0.51 -2.93 15.90
CA ALA A 74 -1.76 -3.68 15.64
C ALA A 74 -2.22 -3.43 14.20
N PHE A 75 -2.27 -2.19 13.73
CA PHE A 75 -2.81 -1.84 12.40
C PHE A 75 -1.93 -2.44 11.29
N LEU A 76 -0.61 -2.33 11.42
CA LEU A 76 0.33 -2.88 10.42
C LEU A 76 0.18 -4.39 10.39
N TRP A 77 0.11 -5.00 11.57
CA TRP A 77 -0.07 -6.46 11.69
C TRP A 77 -1.35 -6.92 10.98
N GLN A 78 -2.47 -6.23 11.25
N GLN A 78 -2.49 -6.25 11.20
CA GLN A 78 -3.82 -6.52 10.68
CA GLN A 78 -3.79 -6.67 10.61
C GLN A 78 -3.72 -6.53 9.14
C GLN A 78 -3.72 -6.56 9.08
N SER A 79 -3.22 -5.43 8.58
CA SER A 79 -3.06 -5.21 7.12
C SER A 79 -2.15 -6.28 6.53
N TYR A 80 -1.07 -6.63 7.23
CA TYR A 80 -0.09 -7.65 6.76
C TYR A 80 -0.74 -9.04 6.74
N GLN A 81 -1.46 -9.38 7.80
CA GLN A 81 -2.08 -10.72 7.96
C GLN A 81 -3.15 -10.90 6.89
N VAL A 82 -3.85 -9.82 6.54
CA VAL A 82 -4.87 -9.86 5.44
C VAL A 82 -4.16 -10.21 4.15
N LYS A 83 -3.06 -9.54 3.85
CA LYS A 83 -2.29 -9.79 2.60
C LYS A 83 -1.75 -11.24 2.65
N LYS A 84 -1.31 -11.72 3.81
CA LYS A 84 -0.83 -13.12 3.94
C LYS A 84 -1.96 -14.10 3.62
N ARG A 85 -3.15 -13.92 4.20
CA ARG A 85 -4.29 -14.84 3.94
CA ARG A 85 -4.34 -14.79 3.94
C ARG A 85 -4.61 -14.79 2.43
N GLN A 86 -4.57 -13.62 1.82
CA GLN A 86 -4.84 -13.46 0.36
C GLN A 86 -3.78 -14.18 -0.47
N MET A 87 -2.50 -14.02 -0.15
CA MET A 87 -1.39 -14.63 -0.94
C MET A 87 -1.43 -16.17 -0.77
N ASP A 88 -1.79 -16.64 0.41
CA ASP A 88 -1.95 -18.08 0.73
C ASP A 88 -3.05 -18.70 -0.15
N ILE A 89 -4.18 -18.01 -0.34
CA ILE A 89 -5.27 -18.44 -1.27
C ILE A 89 -4.77 -18.38 -2.71
N LYS A 90 -4.24 -17.23 -3.12
CA LYS A 90 -3.79 -16.95 -4.52
C LYS A 90 -2.77 -18.01 -4.95
N ASN A 91 -1.77 -18.29 -4.12
CA ASN A 91 -0.64 -19.19 -4.48
C ASN A 91 -1.06 -20.64 -4.20
N ASP A 92 -2.18 -20.87 -3.51
CA ASP A 92 -2.84 -22.21 -3.37
C ASP A 92 -1.88 -23.16 -2.65
N HIS A 93 -1.09 -22.59 -1.74
CA HIS A 93 -0.07 -23.24 -0.88
C HIS A 93 0.39 -22.14 0.07
N LYS A 94 1.12 -22.51 1.13
CA LYS A 94 1.70 -21.55 2.11
C LYS A 94 3.16 -21.28 1.73
N ASN A 95 4.05 -21.18 2.70
CA ASN A 95 5.49 -20.86 2.46
C ASN A 95 5.60 -19.56 1.66
N ASN A 96 4.75 -18.55 1.91
CA ASN A 96 4.84 -17.27 1.19
C ASN A 96 5.73 -16.27 1.94
N GLU A 97 6.12 -16.62 3.17
CA GLU A 97 6.69 -15.68 4.17
C GLU A 97 8.16 -16.07 4.41
N ARG A 98 9.07 -15.09 4.40
CA ARG A 98 10.49 -15.23 4.80
C ARG A 98 10.79 -14.21 5.89
N LEU A 99 11.77 -14.51 6.73
CA LEU A 99 12.29 -13.57 7.75
C LEU A 99 13.55 -12.91 7.19
N LEU A 100 13.52 -11.60 6.96
CA LEU A 100 14.65 -10.91 6.30
C LEU A 100 15.01 -9.68 7.12
N PHE A 101 16.08 -9.01 6.71
CA PHE A 101 16.70 -7.88 7.43
C PHE A 101 16.55 -6.61 6.61
N HIS A 102 16.37 -5.50 7.31
CA HIS A 102 16.36 -4.17 6.69
C HIS A 102 17.14 -3.21 7.59
N GLY A 103 18.27 -2.72 7.11
CA GLY A 103 19.02 -1.64 7.77
C GLY A 103 18.31 -0.33 7.55
N THR A 104 18.34 0.55 8.54
CA THR A 104 17.61 1.84 8.56
C THR A 104 18.46 2.88 9.27
N ASP A 105 18.54 4.09 8.71
CA ASP A 105 19.08 5.28 9.40
C ASP A 105 18.17 5.59 10.59
N ALA A 106 18.74 6.03 11.70
CA ALA A 106 18.05 6.36 12.97
C ALA A 106 16.84 7.28 12.73
N ASP A 107 16.93 8.19 11.77
CA ASP A 107 15.88 9.23 11.55
C ASP A 107 14.61 8.59 10.99
N SER A 108 14.70 7.40 10.39
CA SER A 108 13.53 6.72 9.75
C SER A 108 12.90 5.66 10.67
N VAL A 109 13.54 5.35 11.81
CA VAL A 109 13.06 4.27 12.73
C VAL A 109 11.64 4.58 13.21
N PRO A 110 11.33 5.79 13.73
CA PRO A 110 9.98 6.11 14.18
C PRO A 110 8.91 5.92 13.10
N TYR A 111 9.17 6.40 11.89
CA TYR A 111 8.23 6.25 10.75
C TYR A 111 8.02 4.76 10.48
N VAL A 112 9.09 3.98 10.36
CA VAL A 112 8.98 2.53 10.04
C VAL A 112 8.23 1.83 11.19
N ASN A 113 8.54 2.16 12.46
CA ASN A 113 7.87 1.51 13.61
C ASN A 113 6.35 1.70 13.50
N GLN A 114 5.93 2.87 13.05
CA GLN A 114 4.52 3.32 13.01
C GLN A 114 3.86 2.91 11.70
N HIS A 115 4.57 3.06 10.57
CA HIS A 115 3.95 3.04 9.22
C HIS A 115 4.50 1.89 8.36
N GLY A 116 5.56 1.20 8.80
CA GLY A 116 6.21 0.14 8.03
C GLY A 116 7.00 0.68 6.86
N PHE A 117 7.10 -0.08 5.79
CA PHE A 117 8.04 0.19 4.68
C PHE A 117 7.25 0.83 3.54
N ASN A 118 7.86 1.84 2.92
CA ASN A 118 7.24 2.73 1.92
C ASN A 118 8.21 2.86 0.74
N ARG A 119 7.87 2.26 -0.39
CA ARG A 119 8.71 2.31 -1.61
C ARG A 119 8.97 3.76 -2.06
N SER A 120 8.13 4.74 -1.67
CA SER A 120 8.19 6.15 -2.14
C SER A 120 9.25 6.98 -1.39
N CYS A 121 9.94 6.40 -0.39
CA CYS A 121 10.93 7.13 0.47
C CYS A 121 12.33 6.95 -0.11
N ASN A 125 19.80 4.59 -2.36
CA ASN A 125 20.74 3.47 -2.63
C ASN A 125 20.41 2.85 -3.99
N ALA A 126 21.19 1.85 -4.41
CA ALA A 126 20.95 1.07 -5.64
C ALA A 126 19.50 0.57 -5.59
N VAL A 127 18.76 0.81 -6.68
CA VAL A 127 17.43 0.22 -6.98
C VAL A 127 17.53 -0.59 -8.28
N SER A 128 18.64 -1.33 -8.43
CA SER A 128 19.03 -2.17 -9.59
C SER A 128 17.97 -3.23 -9.91
N TYR A 129 17.17 -3.67 -8.94
CA TYR A 129 16.23 -4.80 -9.16
C TYR A 129 14.80 -4.27 -9.09
N GLY A 130 14.63 -2.95 -9.01
CA GLY A 130 13.32 -2.28 -9.13
C GLY A 130 13.09 -1.26 -8.04
N LYS A 131 12.07 -0.42 -8.23
CA LYS A 131 11.69 0.65 -7.26
C LYS A 131 10.68 0.08 -6.27
N GLY A 132 11.17 -0.74 -5.33
CA GLY A 132 10.39 -1.30 -4.22
C GLY A 132 11.17 -1.15 -2.93
N THR A 133 10.75 -1.84 -1.89
CA THR A 133 11.52 -1.89 -0.62
C THR A 133 12.42 -3.13 -0.68
N TYR A 134 13.66 -2.98 -0.24
CA TYR A 134 14.71 -4.03 -0.28
C TYR A 134 14.82 -4.65 1.10
N PHE A 135 15.02 -5.96 1.10
CA PHE A 135 15.29 -6.79 2.30
C PHE A 135 16.43 -7.76 1.98
N ALA A 136 17.36 -7.97 2.92
CA ALA A 136 18.53 -8.85 2.77
C ALA A 136 18.26 -10.20 3.46
N VAL A 137 18.77 -11.29 2.88
CA VAL A 137 18.79 -12.63 3.51
C VAL A 137 19.77 -12.61 4.69
N ASP A 138 20.88 -11.89 4.57
CA ASP A 138 21.97 -11.85 5.60
C ASP A 138 21.99 -10.49 6.28
N ALA A 139 21.98 -10.52 7.61
CA ALA A 139 22.15 -9.31 8.44
C ALA A 139 23.45 -8.61 8.05
N SER A 140 24.52 -9.35 7.71
CA SER A 140 25.81 -8.77 7.26
C SER A 140 25.58 -7.76 6.13
N TYR A 141 24.68 -8.04 5.17
CA TYR A 141 24.41 -7.08 4.08
C TYR A 141 23.79 -5.79 4.65
N SER A 142 22.71 -5.89 5.43
CA SER A 142 21.98 -4.75 6.06
C SER A 142 22.89 -4.01 7.05
N ALA A 143 23.92 -4.66 7.59
CA ALA A 143 24.85 -4.08 8.58
C ALA A 143 25.83 -3.08 7.92
N LYS A 144 25.94 -3.02 6.60
CA LYS A 144 26.77 -2.01 5.89
C LYS A 144 26.30 -0.62 6.32
N ASP A 145 27.22 0.32 6.53
CA ASP A 145 26.92 1.71 6.96
C ASP A 145 26.01 2.42 5.96
N THR A 146 26.02 2.03 4.68
CA THR A 146 25.13 2.57 3.60
C THR A 146 23.64 2.36 3.94
N TYR A 147 23.29 1.27 4.63
CA TYR A 147 21.89 0.90 4.95
C TYR A 147 21.58 1.16 6.43
N SER A 148 22.47 0.74 7.33
CA SER A 148 22.32 0.96 8.79
C SER A 148 23.33 2.02 9.23
N LYS A 149 23.06 3.28 8.90
CA LYS A 149 23.98 4.43 9.10
C LYS A 149 24.19 4.64 10.60
N PRO A 150 25.45 4.64 11.10
CA PRO A 150 25.69 4.88 12.51
C PRO A 150 25.15 6.27 12.87
N ASP A 151 24.49 6.42 14.02
CA ASP A 151 24.04 7.74 14.54
C ASP A 151 25.19 8.39 15.31
N SER A 152 24.95 9.55 15.94
CA SER A 152 25.93 10.34 16.74
C SER A 152 26.85 9.44 17.57
N ASN A 153 26.32 8.34 18.11
CA ASN A 153 26.97 7.48 19.15
C ASN A 153 27.47 6.16 18.56
N GLY A 154 27.43 5.98 17.24
CA GLY A 154 27.87 4.74 16.58
C GLY A 154 26.83 3.64 16.68
N ARG A 155 25.61 3.96 17.12
CA ARG A 155 24.48 3.01 17.20
C ARG A 155 23.92 2.81 15.79
N LYS A 156 23.83 1.55 15.37
CA LYS A 156 23.24 1.13 14.08
C LYS A 156 21.88 0.45 14.34
N HIS A 157 20.98 0.48 13.35
CA HIS A 157 19.59 -0.03 13.49
C HIS A 157 19.24 -0.95 12.32
N MET A 158 18.71 -2.12 12.63
CA MET A 158 18.31 -3.11 11.61
C MET A 158 17.02 -3.77 12.08
N TYR A 159 16.03 -3.89 11.18
CA TYR A 159 14.76 -4.60 11.45
C TYR A 159 14.92 -6.05 11.01
N VAL A 160 14.26 -6.94 11.76
CA VAL A 160 13.94 -8.31 11.35
C VAL A 160 12.48 -8.26 10.90
N VAL A 161 12.25 -8.64 9.64
CA VAL A 161 11.00 -8.30 8.90
C VAL A 161 10.42 -9.62 8.42
N ARG A 162 9.13 -9.79 8.67
CA ARG A 162 8.31 -10.81 7.99
C ARG A 162 7.98 -10.27 6.61
N VAL A 163 8.47 -10.93 5.57
CA VAL A 163 8.23 -10.46 4.18
C VAL A 163 7.45 -11.53 3.42
N LEU A 164 6.39 -11.08 2.74
CA LEU A 164 5.60 -11.95 1.83
C LEU A 164 6.30 -11.98 0.48
N THR A 165 7.39 -12.76 0.39
CA THR A 165 8.17 -13.00 -0.85
C THR A 165 7.36 -13.83 -1.84
N GLY A 166 6.50 -14.75 -1.36
CA GLY A 166 5.63 -15.57 -2.22
C GLY A 166 6.40 -16.22 -3.35
N VAL A 167 5.85 -16.19 -4.56
CA VAL A 167 6.50 -16.69 -5.80
C VAL A 167 7.29 -15.53 -6.40
N PHE A 168 8.59 -15.73 -6.65
CA PHE A 168 9.51 -14.64 -7.03
C PHE A 168 10.24 -14.97 -8.34
N THR A 169 10.81 -13.94 -8.95
CA THR A 169 11.57 -14.01 -10.22
C THR A 169 12.72 -13.03 -10.09
N LYS A 170 13.67 -13.08 -11.02
CA LYS A 170 14.76 -12.09 -11.09
C LYS A 170 14.19 -10.69 -11.41
N GLY A 171 14.64 -9.67 -10.70
CA GLY A 171 14.25 -8.28 -10.95
C GLY A 171 15.17 -7.64 -11.96
N ARG A 172 14.94 -6.36 -12.24
CA ARG A 172 15.77 -5.54 -13.18
C ARG A 172 15.43 -4.08 -12.89
N ALA A 173 16.24 -3.15 -13.38
CA ALA A 173 16.15 -1.72 -13.05
C ALA A 173 14.85 -1.17 -13.62
N GLY A 174 14.19 -0.27 -12.90
CA GLY A 174 13.01 0.44 -13.40
C GLY A 174 11.69 -0.27 -13.14
N LEU A 175 11.67 -1.52 -12.67
CA LEU A 175 10.38 -2.18 -12.31
C LEU A 175 9.65 -1.30 -11.30
N VAL A 176 8.35 -1.07 -11.47
CA VAL A 176 7.49 -0.38 -10.46
C VAL A 176 6.58 -1.40 -9.76
N THR A 177 6.39 -2.58 -10.36
CA THR A 177 5.70 -3.76 -9.78
C THR A 177 6.47 -5.00 -10.22
N PRO A 178 6.23 -6.19 -9.63
CA PRO A 178 6.86 -7.39 -10.14
C PRO A 178 6.32 -7.69 -11.54
N PRO A 179 7.10 -8.44 -12.34
CA PRO A 179 6.66 -8.88 -13.67
C PRO A 179 5.43 -9.79 -13.58
N PRO A 180 4.67 -9.94 -14.68
CA PRO A 180 3.62 -10.95 -14.77
C PRO A 180 4.23 -12.36 -14.81
N LYS A 181 3.54 -13.34 -14.25
CA LYS A 181 4.00 -14.76 -14.22
C LYS A 181 4.00 -15.33 -15.64
N ASN A 182 3.08 -14.87 -16.47
CA ASN A 182 2.98 -15.23 -17.91
C ASN A 182 2.50 -13.98 -18.64
N PRO A 183 3.22 -13.50 -19.69
CA PRO A 183 2.78 -12.32 -20.45
C PRO A 183 1.43 -12.46 -21.17
N HIS A 184 0.80 -13.65 -21.18
CA HIS A 184 -0.57 -13.89 -21.71
C HIS A 184 -1.64 -13.45 -20.68
N ASN A 185 -1.28 -13.37 -19.40
CA ASN A 185 -2.11 -12.74 -18.33
C ASN A 185 -1.29 -11.63 -17.67
N PRO A 186 -1.26 -10.42 -18.27
CA PRO A 186 -0.39 -9.35 -17.79
C PRO A 186 -0.67 -8.81 -16.37
N THR A 187 -1.80 -9.17 -15.74
CA THR A 187 -2.17 -8.66 -14.39
C THR A 187 -1.95 -9.73 -13.30
N ASP A 188 -1.58 -10.97 -13.64
CA ASP A 188 -1.26 -12.00 -12.63
C ASP A 188 0.25 -11.96 -12.37
N LEU A 189 0.65 -11.29 -11.29
CA LEU A 189 2.07 -10.89 -11.05
C LEU A 189 2.75 -11.90 -10.11
N PHE A 190 4.07 -12.02 -10.24
CA PHE A 190 4.97 -12.51 -9.17
C PHE A 190 4.75 -11.65 -7.93
N ASP A 191 5.04 -12.19 -6.75
CA ASP A 191 4.81 -11.52 -5.45
C ASP A 191 5.99 -10.59 -5.12
N SER A 192 7.18 -10.96 -5.58
CA SER A 192 8.44 -10.21 -5.32
C SER A 192 9.46 -10.53 -6.39
N VAL A 193 10.58 -9.82 -6.38
CA VAL A 193 11.73 -10.09 -7.28
C VAL A 193 12.98 -10.24 -6.42
N THR A 194 13.99 -10.88 -6.99
CA THR A 194 15.27 -11.15 -6.31
C THR A 194 16.43 -10.87 -7.28
N ASN A 195 17.65 -10.86 -6.75
CA ASN A 195 18.90 -10.72 -7.54
C ASN A 195 19.20 -12.06 -8.24
N ASN A 196 18.79 -13.17 -7.63
CA ASN A 196 19.20 -14.53 -8.03
C ASN A 196 18.15 -15.52 -7.52
N THR A 197 17.40 -16.18 -8.42
CA THR A 197 16.26 -17.05 -8.07
C THR A 197 16.75 -18.34 -7.42
N ARG A 198 17.87 -18.91 -7.87
CA ARG A 198 18.36 -20.20 -7.32
C ARG A 198 19.01 -19.98 -5.95
N SER A 199 19.61 -18.83 -5.72
CA SER A 199 20.35 -18.53 -4.47
C SER A 199 20.18 -17.05 -4.08
N PRO A 200 18.97 -16.65 -3.63
CA PRO A 200 18.67 -15.23 -3.39
C PRO A 200 19.40 -14.62 -2.19
N LYS A 201 19.84 -13.38 -2.34
CA LYS A 201 20.44 -12.64 -1.20
C LYS A 201 19.64 -11.38 -0.91
N LEU A 202 18.76 -10.97 -1.80
CA LEU A 202 17.82 -9.87 -1.50
C LEU A 202 16.47 -10.10 -2.18
N PHE A 203 15.46 -9.45 -1.61
CA PHE A 203 14.07 -9.46 -2.13
C PHE A 203 13.58 -8.02 -2.14
N VAL A 204 12.84 -7.72 -3.18
CA VAL A 204 12.16 -6.42 -3.36
C VAL A 204 10.66 -6.68 -3.37
N VAL A 205 9.92 -5.92 -2.57
CA VAL A 205 8.43 -5.89 -2.65
C VAL A 205 7.95 -4.50 -3.03
N PHE A 206 6.79 -4.42 -3.68
CA PHE A 206 6.34 -3.22 -4.42
C PHE A 206 5.01 -2.69 -3.88
N PHE A 207 4.52 -3.27 -2.79
CA PHE A 207 3.17 -2.97 -2.21
C PHE A 207 3.29 -2.82 -0.70
N ASP A 208 2.51 -1.89 -0.19
CA ASP A 208 2.38 -1.62 1.27
C ASP A 208 1.90 -2.93 1.91
N ASN A 209 2.35 -3.25 3.11
CA ASN A 209 1.68 -4.33 3.87
C ASN A 209 2.05 -5.71 3.30
N GLN A 210 3.14 -5.78 2.51
CA GLN A 210 3.81 -7.07 2.19
C GLN A 210 4.97 -7.32 3.15
N ALA A 211 5.28 -6.37 4.04
CA ALA A 211 6.40 -6.47 5.01
C ALA A 211 5.91 -6.01 6.38
N TYR A 212 6.16 -6.80 7.42
CA TYR A 212 5.84 -6.42 8.82
C TYR A 212 7.13 -6.34 9.60
N PRO A 213 7.52 -5.13 10.10
CA PRO A 213 8.74 -5.01 10.89
C PRO A 213 8.47 -5.62 12.27
N GLU A 214 9.09 -6.76 12.58
CA GLU A 214 8.76 -7.58 13.78
C GLU A 214 9.70 -7.23 14.96
N TYR A 215 11.00 -7.09 14.70
CA TYR A 215 12.01 -6.74 15.73
C TYR A 215 12.90 -5.63 15.20
N LEU A 216 13.33 -4.75 16.09
CA LEU A 216 14.38 -3.72 15.85
C LEU A 216 15.61 -4.06 16.69
N ILE A 217 16.75 -4.27 16.04
CA ILE A 217 18.06 -4.57 16.70
C ILE A 217 18.86 -3.28 16.72
N THR A 218 19.26 -2.83 17.91
CA THR A 218 20.20 -1.69 18.07
C THR A 218 21.57 -2.30 18.40
N PHE A 219 22.59 -1.98 17.61
CA PHE A 219 23.90 -2.67 17.66
C PHE A 219 25.00 -1.69 17.28
N THR A 220 26.26 -2.11 17.49
CA THR A 220 27.46 -1.29 17.18
C THR A 220 28.54 -2.18 16.58
N ALA A 221 29.46 -1.57 15.83
CA ALA A 221 30.56 -2.25 15.12
C ALA A 221 31.62 -2.71 16.13
N ASN B 24 -18.42 -11.87 4.58
CA ASN B 24 -17.53 -10.68 4.65
C ASN B 24 -17.78 -9.77 3.43
N LEU B 25 -18.11 -10.34 2.26
CA LEU B 25 -18.37 -9.58 1.01
C LEU B 25 -19.78 -9.00 1.04
N PRO B 26 -20.02 -7.78 0.51
CA PRO B 26 -21.35 -7.17 0.56
C PRO B 26 -22.46 -8.00 -0.10
N GLU B 27 -23.63 -8.06 0.54
CA GLU B 27 -24.75 -8.99 0.20
C GLU B 27 -25.40 -8.60 -1.14
N HIS B 28 -25.22 -7.37 -1.62
CA HIS B 28 -25.82 -6.91 -2.90
C HIS B 28 -24.96 -7.34 -4.09
N TRP B 29 -23.70 -7.76 -3.87
CA TRP B 29 -22.81 -8.27 -4.96
C TRP B 29 -23.47 -9.53 -5.57
N THR B 30 -23.32 -9.75 -6.87
CA THR B 30 -23.70 -11.04 -7.51
C THR B 30 -22.82 -12.15 -6.92
N ASP B 31 -23.34 -13.38 -6.91
CA ASP B 31 -22.58 -14.60 -6.54
C ASP B 31 -21.39 -14.70 -7.49
N MET B 32 -20.19 -14.90 -6.96
CA MET B 32 -18.96 -15.03 -7.80
C MET B 32 -18.51 -16.49 -7.82
N ASN B 33 -19.41 -17.42 -7.45
CA ASN B 33 -19.11 -18.86 -7.22
C ASN B 33 -18.05 -18.93 -6.13
N HIS B 34 -16.79 -19.17 -6.51
CA HIS B 34 -15.59 -19.15 -5.63
C HIS B 34 -14.56 -18.18 -6.23
N GLN B 35 -14.96 -17.38 -7.23
CA GLN B 35 -14.10 -16.40 -7.96
C GLN B 35 -13.88 -15.16 -7.09
N LEU B 36 -12.75 -14.48 -7.29
CA LEU B 36 -12.29 -13.37 -6.43
C LEU B 36 -12.58 -12.03 -7.12
N PHE B 37 -12.98 -12.06 -8.41
CA PHE B 37 -13.12 -10.86 -9.27
C PHE B 37 -14.27 -11.04 -10.26
N CYS B 38 -15.07 -10.01 -10.44
CA CYS B 38 -16.17 -9.94 -11.43
C CYS B 38 -16.51 -8.47 -11.71
N MET B 39 -16.74 -8.12 -12.98
CA MET B 39 -17.32 -6.83 -13.42
C MET B 39 -18.80 -7.11 -13.71
N VAL B 40 -19.70 -6.37 -13.07
CA VAL B 40 -21.17 -6.57 -13.25
C VAL B 40 -21.75 -5.36 -13.97
N GLN B 41 -22.32 -5.60 -15.15
CA GLN B 41 -23.00 -4.58 -15.97
C GLN B 41 -24.30 -4.16 -15.29
N LEU B 42 -24.47 -2.88 -14.99
CA LEU B 42 -25.70 -2.36 -14.34
C LEU B 42 -26.77 -2.06 -15.39
N GLU B 43 -28.03 -2.07 -14.96
CA GLU B 43 -29.24 -1.84 -15.78
C GLU B 43 -29.75 -0.42 -15.52
N PRO B 44 -29.87 0.44 -16.56
CA PRO B 44 -30.54 1.73 -16.41
C PRO B 44 -31.94 1.50 -15.83
N GLY B 45 -32.44 2.45 -15.05
CA GLY B 45 -33.69 2.27 -14.29
C GLY B 45 -33.44 1.74 -12.89
N GLN B 46 -32.40 0.94 -12.66
CA GLN B 46 -31.98 0.56 -11.29
C GLN B 46 -31.43 1.80 -10.58
N SER B 47 -31.76 1.96 -9.30
CA SER B 47 -31.28 3.07 -8.45
C SER B 47 -29.74 3.10 -8.47
N GLU B 48 -29.10 1.94 -8.52
CA GLU B 48 -27.62 1.88 -8.44
C GLU B 48 -27.06 2.57 -9.70
N TYR B 49 -27.59 2.26 -10.88
CA TYR B 49 -27.14 2.86 -12.16
C TYR B 49 -27.49 4.35 -12.14
N ASN B 50 -28.72 4.67 -11.72
CA ASN B 50 -29.26 6.03 -11.87
C ASN B 50 -28.50 7.00 -10.97
N THR B 51 -28.15 6.60 -9.73
CA THR B 51 -27.41 7.49 -8.81
C THR B 51 -26.03 7.80 -9.41
N ILE B 52 -25.32 6.82 -9.97
CA ILE B 52 -24.00 7.05 -10.61
C ILE B 52 -24.18 7.94 -11.86
N LYS B 53 -25.14 7.64 -12.72
CA LYS B 53 -25.40 8.51 -13.90
C LYS B 53 -25.64 9.96 -13.44
N ASP B 54 -26.48 10.17 -12.43
CA ASP B 54 -26.78 11.54 -11.94
C ASP B 54 -25.53 12.21 -11.40
N LYS B 55 -24.77 11.51 -10.57
CA LYS B 55 -23.48 12.03 -10.02
C LYS B 55 -22.60 12.50 -11.18
N PHE B 56 -22.53 11.70 -12.24
CA PHE B 56 -21.67 11.96 -13.42
C PHE B 56 -22.24 13.15 -14.21
N THR B 57 -23.55 13.15 -14.49
CA THR B 57 -24.17 14.15 -15.40
C THR B 57 -24.27 15.51 -14.71
N ARG B 58 -24.20 15.55 -13.38
CA ARG B 58 -24.12 16.81 -12.61
C ARG B 58 -23.10 17.74 -13.27
N THR B 59 -21.95 17.24 -13.73
CA THR B 59 -20.88 18.09 -14.33
C THR B 59 -20.49 17.65 -15.75
N CYS B 60 -20.90 16.49 -16.26
CA CYS B 60 -20.59 16.03 -17.64
C CYS B 60 -21.85 15.73 -18.48
N SER B 61 -22.83 16.63 -18.49
CA SER B 61 -24.08 16.43 -19.29
C SER B 61 -23.79 16.50 -20.80
N SER B 62 -22.62 17.01 -21.22
CA SER B 62 -22.17 17.02 -22.63
C SER B 62 -21.84 15.59 -23.15
N TYR B 63 -21.44 14.64 -22.29
CA TYR B 63 -21.02 13.28 -22.67
C TYR B 63 -22.19 12.32 -22.54
N ALA B 64 -22.10 11.13 -23.14
CA ALA B 64 -23.15 10.08 -23.02
C ALA B 64 -22.51 8.81 -22.47
N ILE B 65 -23.16 8.19 -21.49
CA ILE B 65 -22.65 6.94 -20.87
C ILE B 65 -23.01 5.78 -21.78
N GLU B 66 -22.03 4.96 -22.13
CA GLU B 66 -22.25 3.68 -22.84
C GLU B 66 -22.72 2.64 -21.81
N LYS B 67 -21.99 2.50 -20.71
CA LYS B 67 -22.33 1.49 -19.68
C LYS B 67 -21.64 1.82 -18.35
N ILE B 68 -22.17 1.24 -17.28
CA ILE B 68 -21.60 1.33 -15.90
C ILE B 68 -21.47 -0.09 -15.36
N GLU B 69 -20.24 -0.46 -14.98
CA GLU B 69 -19.93 -1.79 -14.41
C GLU B 69 -19.59 -1.62 -12.92
N ARG B 70 -20.20 -2.45 -12.08
CA ARG B 70 -19.84 -2.58 -10.66
C ARG B 70 -18.58 -3.46 -10.60
N ILE B 71 -17.56 -2.99 -9.91
CA ILE B 71 -16.29 -3.76 -9.75
C ILE B 71 -16.41 -4.59 -8.46
N GLN B 72 -16.37 -5.91 -8.58
CA GLN B 72 -16.39 -6.85 -7.43
C GLN B 72 -15.00 -7.47 -7.34
N ASN B 73 -14.15 -6.86 -6.52
CA ASN B 73 -12.76 -7.33 -6.32
C ASN B 73 -12.63 -7.64 -4.83
N ALA B 74 -12.72 -8.92 -4.47
CA ALA B 74 -12.76 -9.38 -3.06
C ALA B 74 -11.52 -8.90 -2.30
N PHE B 75 -10.33 -9.13 -2.84
CA PHE B 75 -9.04 -8.84 -2.16
C PHE B 75 -8.90 -7.32 -1.96
N LEU B 76 -9.13 -6.52 -3.00
CA LEU B 76 -9.07 -5.05 -2.87
C LEU B 76 -10.09 -4.58 -1.83
N TRP B 77 -11.30 -5.16 -1.87
CA TRP B 77 -12.39 -4.79 -0.96
C TRP B 77 -11.95 -5.05 0.47
N GLN B 78 -11.36 -6.23 0.71
CA GLN B 78 -10.94 -6.66 2.07
C GLN B 78 -9.89 -5.69 2.63
N SER B 79 -8.85 -5.41 1.86
CA SER B 79 -7.71 -4.57 2.30
C SER B 79 -8.21 -3.15 2.54
N TYR B 80 -9.07 -2.66 1.66
CA TYR B 80 -9.70 -1.31 1.78
C TYR B 80 -10.58 -1.24 3.04
N GLN B 81 -11.46 -2.22 3.24
CA GLN B 81 -12.37 -2.20 4.43
C GLN B 81 -11.54 -2.23 5.71
N VAL B 82 -10.41 -2.96 5.74
CA VAL B 82 -9.51 -3.00 6.92
C VAL B 82 -8.95 -1.59 7.17
N LYS B 83 -8.50 -0.91 6.13
CA LYS B 83 -7.97 0.47 6.25
C LYS B 83 -9.08 1.42 6.71
N LYS B 84 -10.31 1.25 6.24
CA LYS B 84 -11.46 2.11 6.67
C LYS B 84 -11.73 1.90 8.17
N ARG B 85 -11.81 0.64 8.62
CA ARG B 85 -12.04 0.37 10.06
C ARG B 85 -10.92 1.03 10.88
N GLN B 86 -9.67 0.93 10.45
CA GLN B 86 -8.53 1.52 11.21
C GLN B 86 -8.69 3.04 11.27
N MET B 87 -9.07 3.66 10.18
CA MET B 87 -9.19 5.14 10.13
C MET B 87 -10.42 5.55 10.93
N ASP B 88 -11.49 4.75 10.90
CA ASP B 88 -12.71 4.99 11.71
C ASP B 88 -12.37 4.90 13.21
N ILE B 89 -11.46 4.01 13.60
CA ILE B 89 -11.01 3.92 15.02
C ILE B 89 -10.15 5.15 15.30
N LYS B 90 -9.15 5.44 14.46
CA LYS B 90 -8.11 6.47 14.75
C LYS B 90 -8.75 7.86 14.79
N ASN B 91 -9.71 8.16 13.92
CA ASN B 91 -10.28 9.53 13.81
C ASN B 91 -11.51 9.62 14.73
N ASP B 92 -11.88 10.84 15.08
CA ASP B 92 -12.90 11.11 16.12
C ASP B 92 -14.28 11.27 15.45
N HIS B 93 -14.98 10.15 15.20
CA HIS B 93 -16.32 10.12 14.55
C HIS B 93 -16.34 10.90 13.22
N LYS B 94 -15.27 10.87 12.43
CA LYS B 94 -15.20 11.62 11.15
C LYS B 94 -15.89 10.79 10.07
N ASN B 95 -16.50 11.44 9.08
CA ASN B 95 -16.83 10.78 7.79
C ASN B 95 -15.51 10.69 7.01
N ASN B 96 -14.87 9.52 7.02
CA ASN B 96 -13.50 9.35 6.45
C ASN B 96 -13.58 9.02 4.96
N GLU B 97 -14.76 8.75 4.42
CA GLU B 97 -14.89 8.22 3.05
C GLU B 97 -15.68 9.19 2.17
N ARG B 98 -15.15 9.48 0.97
CA ARG B 98 -15.83 10.25 -0.08
C ARG B 98 -15.92 9.37 -1.31
N LEU B 99 -16.96 9.58 -2.12
CA LEU B 99 -17.11 8.93 -3.43
C LEU B 99 -16.58 9.90 -4.47
N LEU B 100 -15.47 9.56 -5.11
CA LEU B 100 -14.75 10.47 -6.02
C LEU B 100 -14.57 9.82 -7.39
N PHE B 101 -14.07 10.59 -8.35
CA PHE B 101 -13.89 10.18 -9.76
C PHE B 101 -12.40 10.04 -10.04
N HIS B 102 -12.05 9.14 -10.95
CA HIS B 102 -10.67 8.96 -11.45
C HIS B 102 -10.75 8.58 -12.93
N GLY B 103 -10.32 9.49 -13.80
CA GLY B 103 -10.24 9.17 -15.24
C GLY B 103 -9.01 8.33 -15.48
N THR B 104 -9.06 7.34 -16.36
CA THR B 104 -7.80 6.72 -16.84
C THR B 104 -7.91 6.26 -18.28
N ASP B 105 -6.76 5.84 -18.80
CA ASP B 105 -6.59 5.32 -20.17
C ASP B 105 -7.01 3.85 -20.16
N ALA B 106 -7.53 3.38 -21.29
CA ALA B 106 -7.91 1.98 -21.56
C ALA B 106 -6.80 1.01 -21.14
N ASP B 107 -5.54 1.35 -21.39
CA ASP B 107 -4.39 0.44 -21.16
C ASP B 107 -4.27 0.12 -19.65
N SER B 108 -4.72 1.04 -18.78
CA SER B 108 -4.58 0.94 -17.31
C SER B 108 -5.76 0.19 -16.69
N VAL B 109 -6.89 0.01 -17.39
CA VAL B 109 -8.15 -0.49 -16.79
C VAL B 109 -7.97 -1.93 -16.27
N PRO B 110 -7.44 -2.91 -17.03
CA PRO B 110 -7.27 -4.27 -16.47
C PRO B 110 -6.43 -4.33 -15.18
N TYR B 111 -5.36 -3.53 -15.07
CA TYR B 111 -4.49 -3.46 -13.85
C TYR B 111 -5.27 -2.85 -12.68
N VAL B 112 -5.93 -1.70 -12.90
CA VAL B 112 -6.73 -1.02 -11.83
C VAL B 112 -7.85 -1.95 -11.33
N ASN B 113 -8.60 -2.56 -12.25
CA ASN B 113 -9.69 -3.53 -11.93
C ASN B 113 -9.17 -4.59 -10.97
N GLN B 114 -7.95 -5.11 -11.20
CA GLN B 114 -7.35 -6.23 -10.44
C GLN B 114 -6.60 -5.71 -9.20
N HIS B 115 -5.84 -4.61 -9.31
CA HIS B 115 -4.84 -4.23 -8.27
C HIS B 115 -5.09 -2.85 -7.70
N GLY B 116 -6.05 -2.12 -8.21
CA GLY B 116 -6.38 -0.77 -7.71
C GLY B 116 -5.37 0.27 -8.17
N PHE B 117 -5.27 1.34 -7.39
CA PHE B 117 -4.55 2.56 -7.81
C PHE B 117 -3.15 2.54 -7.20
N ASN B 118 -2.15 2.54 -8.09
CA ASN B 118 -0.73 2.46 -7.68
C ASN B 118 -0.11 3.85 -7.87
N ARG B 119 0.26 4.52 -6.77
CA ARG B 119 0.90 5.85 -6.78
C ARG B 119 2.16 5.84 -7.66
N SER B 120 2.86 4.69 -7.74
CA SER B 120 4.13 4.53 -8.50
C SER B 120 3.85 4.62 -10.02
N CYS B 121 2.60 4.53 -10.45
CA CYS B 121 2.13 4.58 -11.87
C CYS B 121 1.50 5.96 -12.18
N ALA B 122 1.30 6.82 -11.18
CA ALA B 122 0.45 8.04 -11.30
C ALA B 122 1.14 9.08 -12.20
N GLY B 123 0.38 9.74 -13.07
CA GLY B 123 0.84 10.89 -13.86
C GLY B 123 1.03 12.11 -12.97
N LYS B 124 1.94 13.02 -13.34
CA LYS B 124 2.05 14.32 -12.64
C LYS B 124 0.79 15.10 -13.05
N ASN B 125 0.09 15.68 -12.06
CA ASN B 125 -1.14 16.48 -12.32
C ASN B 125 -0.68 17.86 -12.80
N ALA B 126 -1.45 18.52 -13.67
CA ALA B 126 -1.19 19.90 -14.14
C ALA B 126 -0.95 20.84 -12.94
N VAL B 127 -1.72 20.70 -11.87
CA VAL B 127 -1.46 21.39 -10.58
C VAL B 127 -1.13 20.31 -9.55
N SER B 128 0.13 20.17 -9.15
CA SER B 128 0.54 19.08 -8.23
C SER B 128 0.43 19.53 -6.77
N TYR B 129 -0.28 18.73 -5.97
CA TYR B 129 -0.38 18.87 -4.50
C TYR B 129 0.29 17.68 -3.84
N GLY B 130 1.13 16.99 -4.60
CA GLY B 130 1.92 15.85 -4.10
C GLY B 130 1.98 14.74 -5.11
N LYS B 131 2.93 13.84 -4.88
CA LYS B 131 3.22 12.63 -5.67
C LYS B 131 2.40 11.48 -5.08
N GLY B 132 1.12 11.43 -5.42
CA GLY B 132 0.21 10.33 -5.05
C GLY B 132 -0.81 10.08 -6.13
N THR B 133 -1.86 9.33 -5.78
CA THR B 133 -3.01 9.10 -6.69
C THR B 133 -4.05 10.21 -6.48
N TYR B 134 -4.52 10.83 -7.58
CA TYR B 134 -5.45 11.99 -7.60
C TYR B 134 -6.88 11.51 -7.85
N PHE B 135 -7.83 12.03 -7.07
CA PHE B 135 -9.28 11.78 -7.21
C PHE B 135 -10.03 13.12 -7.24
N ALA B 136 -11.01 13.24 -8.13
CA ALA B 136 -11.76 14.48 -8.35
C ALA B 136 -13.15 14.39 -7.71
N VAL B 137 -13.61 15.51 -7.17
CA VAL B 137 -14.98 15.72 -6.66
C VAL B 137 -15.93 15.72 -7.87
N ASP B 138 -15.53 16.38 -8.96
CA ASP B 138 -16.38 16.63 -10.16
C ASP B 138 -15.96 15.67 -11.28
N ALA B 139 -16.91 14.92 -11.84
CA ALA B 139 -16.69 14.08 -13.03
C ALA B 139 -16.04 14.90 -14.16
N SER B 140 -16.43 16.16 -14.31
CA SER B 140 -15.96 17.07 -15.39
C SER B 140 -14.43 17.13 -15.40
N TYR B 141 -13.79 17.08 -14.23
CA TYR B 141 -12.31 17.12 -14.13
C TYR B 141 -11.71 15.83 -14.69
N SER B 142 -12.24 14.70 -14.24
CA SER B 142 -11.79 13.37 -14.68
C SER B 142 -12.11 13.17 -16.17
N ALA B 143 -13.10 13.87 -16.72
CA ALA B 143 -13.59 13.71 -18.10
C ALA B 143 -12.65 14.38 -19.13
N LYS B 144 -11.67 15.16 -18.65
CA LYS B 144 -10.62 15.79 -19.50
C LYS B 144 -9.82 14.71 -20.22
N ASP B 145 -9.51 14.93 -21.50
CA ASP B 145 -8.82 13.94 -22.35
C ASP B 145 -7.47 13.60 -21.70
N THR B 146 -6.87 14.51 -20.93
CA THR B 146 -5.57 14.26 -20.25
C THR B 146 -5.69 13.08 -19.26
N TYR B 147 -6.85 12.86 -18.65
CA TYR B 147 -7.04 11.81 -17.61
C TYR B 147 -7.79 10.61 -18.20
N SER B 148 -8.97 10.84 -18.78
CA SER B 148 -9.79 9.79 -19.44
C SER B 148 -9.50 9.83 -20.94
N LYS B 149 -8.32 9.39 -21.34
CA LYS B 149 -7.84 9.43 -22.73
C LYS B 149 -8.79 8.61 -23.61
N PRO B 150 -9.40 9.21 -24.65
CA PRO B 150 -10.21 8.43 -25.60
C PRO B 150 -9.40 7.26 -26.18
N ASP B 151 -9.95 6.04 -26.18
CA ASP B 151 -9.27 4.86 -26.77
C ASP B 151 -9.44 4.90 -28.30
N SER B 152 -8.90 3.92 -29.02
CA SER B 152 -8.97 3.86 -30.52
C SER B 152 -10.42 3.83 -31.01
N ASN B 153 -11.41 3.55 -30.15
CA ASN B 153 -12.86 3.55 -30.52
C ASN B 153 -13.58 4.81 -30.02
N GLY B 154 -12.86 5.77 -29.44
CA GLY B 154 -13.48 7.00 -28.89
C GLY B 154 -14.16 6.77 -27.55
N ARG B 155 -13.88 5.66 -26.87
CA ARG B 155 -14.43 5.42 -25.52
C ARG B 155 -13.49 6.03 -24.48
N LYS B 156 -14.10 6.75 -23.55
CA LYS B 156 -13.44 7.32 -22.35
C LYS B 156 -13.85 6.48 -21.13
N HIS B 157 -12.96 6.37 -20.16
CA HIS B 157 -13.09 5.52 -18.96
C HIS B 157 -12.83 6.34 -17.71
N MET B 158 -13.74 6.24 -16.76
CA MET B 158 -13.70 6.94 -15.47
C MET B 158 -14.18 5.98 -14.39
N TYR B 159 -13.39 5.81 -13.33
CA TYR B 159 -13.79 5.07 -12.12
C TYR B 159 -14.51 6.01 -11.17
N VAL B 160 -15.44 5.42 -10.44
CA VAL B 160 -16.10 6.02 -9.26
C VAL B 160 -15.54 5.21 -8.09
N VAL B 161 -14.99 5.91 -7.10
CA VAL B 161 -13.98 5.32 -6.17
C VAL B 161 -14.34 5.74 -4.75
N ARG B 162 -14.42 4.78 -3.84
CA ARG B 162 -14.53 5.08 -2.40
C ARG B 162 -13.13 5.45 -1.94
N VAL B 163 -12.96 6.66 -1.45
CA VAL B 163 -11.60 7.13 -1.09
C VAL B 163 -11.59 7.49 0.39
N LEU B 164 -10.60 6.99 1.12
CA LEU B 164 -10.44 7.35 2.56
C LEU B 164 -9.68 8.68 2.64
N THR B 165 -10.42 9.78 2.52
CA THR B 165 -9.88 11.16 2.60
C THR B 165 -9.54 11.47 4.06
N GLY B 166 -10.30 10.93 5.01
CA GLY B 166 -10.02 11.11 6.44
C GLY B 166 -9.92 12.59 6.80
N VAL B 167 -8.89 12.91 7.57
CA VAL B 167 -8.57 14.32 7.95
C VAL B 167 -7.50 14.81 6.96
N PHE B 168 -7.73 15.95 6.33
CA PHE B 168 -6.92 16.38 5.19
C PHE B 168 -6.49 17.84 5.36
N THR B 169 -5.45 18.22 4.62
CA THR B 169 -4.91 19.59 4.59
C THR B 169 -4.56 19.91 3.14
N LYS B 170 -4.27 21.17 2.86
CA LYS B 170 -3.80 21.60 1.53
C LYS B 170 -2.45 20.95 1.28
N GLY B 171 -2.32 20.26 0.16
CA GLY B 171 -1.07 19.58 -0.21
C GLY B 171 -0.04 20.55 -0.77
N ARG B 172 1.13 20.01 -1.10
CA ARG B 172 2.30 20.71 -1.68
CA ARG B 172 2.26 20.74 -1.74
C ARG B 172 3.00 19.75 -2.64
N ALA B 173 3.55 20.27 -3.75
CA ALA B 173 4.17 19.47 -4.83
C ALA B 173 5.25 18.52 -4.30
N GLY B 174 6.01 18.88 -3.26
CA GLY B 174 7.11 18.01 -2.76
C GLY B 174 6.66 16.70 -2.07
N LEU B 175 5.40 16.57 -1.65
CA LEU B 175 4.97 15.46 -0.76
C LEU B 175 5.11 14.09 -1.43
N VAL B 176 5.67 13.10 -0.71
CA VAL B 176 5.66 11.65 -1.09
C VAL B 176 4.77 10.87 -0.11
N THR B 177 4.45 11.48 1.05
CA THR B 177 3.44 11.01 2.04
C THR B 177 2.65 12.22 2.49
N PRO B 178 1.48 12.06 3.15
CA PRO B 178 0.74 13.21 3.64
C PRO B 178 1.64 13.85 4.69
N PRO B 179 1.49 15.16 4.94
CA PRO B 179 2.31 15.85 5.93
C PRO B 179 1.87 15.50 7.35
N PRO B 180 2.73 15.74 8.34
CA PRO B 180 2.33 15.59 9.74
C PRO B 180 1.29 16.67 10.10
N LYS B 181 0.41 16.37 11.04
CA LYS B 181 -0.52 17.37 11.60
C LYS B 181 0.24 18.37 12.46
N ASN B 182 1.39 17.94 12.98
CA ASN B 182 2.17 18.66 14.01
C ASN B 182 3.64 18.47 13.69
N PRO B 183 4.39 19.57 13.43
CA PRO B 183 5.79 19.43 13.04
C PRO B 183 6.67 18.82 14.14
N HIS B 184 6.23 18.81 15.40
CA HIS B 184 7.05 18.18 16.49
C HIS B 184 6.59 16.74 16.68
N ASN B 185 5.69 16.23 15.85
CA ASN B 185 5.28 14.79 15.86
C ASN B 185 5.25 14.28 14.43
N PRO B 186 6.44 14.10 13.83
CA PRO B 186 6.54 13.85 12.40
C PRO B 186 5.84 12.57 11.89
N THR B 187 5.45 11.63 12.75
CA THR B 187 4.89 10.33 12.28
C THR B 187 3.35 10.32 12.36
N ASP B 188 2.72 11.36 12.89
CA ASP B 188 1.24 11.40 13.05
C ASP B 188 0.70 12.24 11.89
N LEU B 189 0.18 11.57 10.84
CA LEU B 189 0.01 12.19 9.49
C LEU B 189 -1.45 12.55 9.28
N PHE B 190 -1.70 13.54 8.41
CA PHE B 190 -2.99 13.71 7.70
C PHE B 190 -3.26 12.44 6.88
N ASP B 191 -4.52 12.14 6.59
CA ASP B 191 -4.88 10.91 5.84
C ASP B 191 -4.72 11.16 4.34
N SER B 192 -4.93 12.41 3.89
CA SER B 192 -4.89 12.80 2.47
C SER B 192 -4.58 14.30 2.40
N VAL B 193 -4.36 14.80 1.19
CA VAL B 193 -4.26 16.26 0.96
C VAL B 193 -5.22 16.66 -0.16
N THR B 194 -5.48 17.96 -0.24
CA THR B 194 -6.47 18.55 -1.17
C THR B 194 -5.86 19.80 -1.82
N ASN B 195 -6.56 20.38 -2.77
CA ASN B 195 -6.12 21.63 -3.47
C ASN B 195 -6.52 22.83 -2.62
N ASN B 196 -7.57 22.70 -1.80
CA ASN B 196 -8.23 23.82 -1.06
C ASN B 196 -9.09 23.21 0.05
N THR B 197 -8.80 23.46 1.32
CA THR B 197 -9.54 22.79 2.44
C THR B 197 -10.96 23.38 2.53
N ARG B 198 -11.14 24.64 2.14
CA ARG B 198 -12.46 25.34 2.14
C ARG B 198 -13.37 24.76 1.06
N SER B 199 -12.86 24.60 -0.17
CA SER B 199 -13.62 24.08 -1.34
C SER B 199 -12.82 22.97 -2.01
N PRO B 200 -12.76 21.76 -1.41
CA PRO B 200 -11.95 20.68 -1.97
C PRO B 200 -12.51 20.29 -3.34
N LYS B 201 -11.66 20.20 -4.36
CA LYS B 201 -12.08 19.69 -5.69
C LYS B 201 -11.23 18.47 -6.06
N LEU B 202 -10.09 18.27 -5.42
CA LEU B 202 -9.34 17.01 -5.61
C LEU B 202 -8.70 16.59 -4.30
N PHE B 203 -8.45 15.29 -4.23
CA PHE B 203 -7.79 14.63 -3.11
C PHE B 203 -6.64 13.79 -3.65
N VAL B 204 -5.56 13.76 -2.88
CA VAL B 204 -4.36 12.93 -3.17
C VAL B 204 -4.20 11.96 -2.00
N VAL B 205 -4.00 10.68 -2.32
CA VAL B 205 -3.67 9.63 -1.33
C VAL B 205 -2.34 9.01 -1.71
N PHE B 206 -1.60 8.54 -0.71
CA PHE B 206 -0.18 8.16 -0.87
C PHE B 206 0.02 6.72 -0.43
N PHE B 207 -1.05 5.98 -0.12
CA PHE B 207 -0.94 4.57 0.35
C PHE B 207 -1.86 3.65 -0.44
N ASP B 208 -1.41 2.39 -0.56
CA ASP B 208 -2.19 1.30 -1.19
C ASP B 208 -3.43 1.06 -0.34
N ASN B 209 -4.54 0.68 -0.96
CA ASN B 209 -5.72 0.21 -0.19
C ASN B 209 -6.37 1.41 0.52
N GLN B 210 -6.15 2.66 0.05
CA GLN B 210 -6.87 3.84 0.56
C GLN B 210 -8.01 4.24 -0.39
N ALA B 211 -8.14 3.51 -1.48
CA ALA B 211 -9.12 3.81 -2.55
C ALA B 211 -9.62 2.48 -3.12
N TYR B 212 -10.93 2.31 -3.20
CA TYR B 212 -11.58 1.11 -3.77
C TYR B 212 -12.27 1.52 -5.06
N PRO B 213 -11.85 0.99 -6.22
CA PRO B 213 -12.52 1.29 -7.49
C PRO B 213 -13.86 0.53 -7.50
N GLU B 214 -14.97 1.24 -7.35
CA GLU B 214 -16.29 0.61 -7.14
C GLU B 214 -17.04 0.48 -8.46
N TYR B 215 -16.98 1.49 -9.34
CA TYR B 215 -17.69 1.48 -10.64
C TYR B 215 -16.73 1.97 -11.72
N LEU B 216 -16.86 1.38 -12.91
CA LEU B 216 -16.22 1.83 -14.16
C LEU B 216 -17.31 2.33 -15.12
N ILE B 217 -17.25 3.63 -15.42
CA ILE B 217 -18.09 4.31 -16.43
C ILE B 217 -17.32 4.33 -17.74
N THR B 218 -17.92 3.75 -18.79
CA THR B 218 -17.47 3.90 -20.18
C THR B 218 -18.40 4.92 -20.83
N PHE B 219 -17.83 5.94 -21.47
CA PHE B 219 -18.63 7.08 -22.01
C PHE B 219 -17.97 7.58 -23.29
N THR B 220 -18.75 8.36 -24.05
CA THR B 220 -18.37 8.93 -25.37
C THR B 220 -18.89 10.36 -25.42
N ALA B 221 -18.31 11.16 -26.33
CA ALA B 221 -18.94 12.39 -26.86
C ALA B 221 -20.21 11.98 -27.64
C4 8BK C . 19.26 -2.25 -0.14
C5 8BK C . 19.59 -3.55 -0.48
C6 8BK C . 20.10 -2.80 -2.72
C11 8BK C . 19.29 -4.21 1.79
C7 8BK C . 20.75 -3.29 -3.96
C8 8BK C . 20.35 -3.16 -5.24
C9 8BK C . 22.02 -4.49 -5.61
C10 8BK C . 19.59 -4.53 0.49
N1 8BK C . 18.12 -1.39 3.85
N2 8BK C . 21.15 -3.73 -6.20
C3 8BK C . 18.97 -1.92 1.16
C1 8BK C . 18.67 -2.56 3.58
O1 8BK C . 18.94 -3.39 4.46
C2 8BK C . 18.98 -2.90 2.16
O2 8BK C . 19.89 -3.89 -1.79
S1 8BK C . 22.26 -4.17 -3.94
S DMS D . -8.15 12.45 -12.64
O DMS D . -9.43 11.82 -12.70
C1 DMS D . -6.93 11.16 -12.41
C2 DMS D . -8.04 13.25 -11.05
#